data_8ZAI
#
_entry.id   8ZAI
#
_cell.length_a   52.600
_cell.length_b   72.250
_cell.length_c   177.920
_cell.angle_alpha   90.00
_cell.angle_beta   90.00
_cell.angle_gamma   90.00
#
_symmetry.space_group_name_H-M   'P 21 21 21'
#
loop_
_entity.id
_entity.type
_entity.pdbx_description
1 polymer 'ORF1ab polyprotein'
2 non-polymer (2~{R})-~{N}-[(1~{S})-1-(4-fluorophenyl)ethyl]-2-[[(2~{R})-2-oxidanylpropanoyl]-(6-phenylpyridin-3-yl)amino]-2-pyridin-3-yl-propanamide
#
_entity_poly.entity_id   1
_entity_poly.type   'polypeptide(L)'
_entity_poly.pdbx_seq_one_letter_code
;AGLKKMAQPSGLVEPCVVRVSYGNTVLNGVWLDDKVYCPRHVLASDTTVTIDYDAVYHSMRLHNFSISKGNVFLGVVGAV
MQGANLVITVSQANVNTPSYSFRTLKAGECFNILACYDGTPAGVYGVNLRSTHTIKGSFVNGACGSPGFVMNGHKVEFVY
MHQIELGNASHVGSDMFGNIYGGFEDQPSIQLEGVATLITENVIAFLYAALINGERWWCSNERCTIDSFNEWALGNGFTN
LVSGDGFSMLAAKTGVDVCQLLSAIQRLATGLGGKTILGYASLTDEYTLSEVVRQMYGVNIQ
;
_entity_poly.pdbx_strand_id   A,B
#
loop_
_chem_comp.id
_chem_comp.type
_chem_comp.name
_chem_comp.formula
A1L1B non-polymer (2~{R})-~{N}-[(1~{S})-1-(4-fluorophenyl)ethyl]-2-[[(2~{R})-2-oxidanylpropanoyl]-(6-phenylpyridin-3-yl)amino]-2-pyridin-3-yl-propanamide 'C30 H29 F N4 O3'
#
# COMPACT_ATOMS: atom_id res chain seq x y z
N ALA A 1 11.29 1.62 -10.97
CA ALA A 1 10.60 1.07 -12.12
C ALA A 1 9.15 0.70 -11.78
N GLY A 2 8.22 1.47 -12.32
CA GLY A 2 6.80 1.29 -12.13
C GLY A 2 6.21 2.39 -11.26
N LEU A 3 4.89 2.29 -11.05
CA LEU A 3 4.18 3.28 -10.24
C LEU A 3 3.04 2.61 -9.49
N LYS A 4 3.13 2.59 -8.16
CA LYS A 4 2.10 1.99 -7.32
C LYS A 4 1.92 2.80 -6.05
N LYS A 5 0.67 2.91 -5.60
CA LYS A 5 0.39 3.57 -4.32
C LYS A 5 0.93 2.72 -3.18
N MET A 6 2.20 2.93 -2.86
CA MET A 6 2.89 2.23 -1.78
C MET A 6 2.87 3.07 -0.49
N ALA A 7 2.78 2.37 0.64
CA ALA A 7 2.80 2.99 1.95
C ALA A 7 4.18 2.88 2.58
N GLN A 8 4.50 3.86 3.44
CA GLN A 8 5.78 3.84 4.14
C GLN A 8 5.74 2.76 5.23
N PRO A 9 6.91 2.31 5.68
CA PRO A 9 6.95 1.26 6.72
C PRO A 9 6.25 1.67 8.00
N SER A 10 5.29 0.87 8.43
CA SER A 10 4.43 1.16 9.57
C SER A 10 5.02 0.70 10.90
N GLY A 11 6.29 0.31 10.91
CA GLY A 11 6.83 -0.38 12.08
C GLY A 11 6.84 0.44 13.35
N LEU A 12 7.07 1.76 13.23
CA LEU A 12 7.16 2.60 14.41
C LEU A 12 5.79 3.03 14.94
N VAL A 13 4.80 3.17 14.07
CA VAL A 13 3.44 3.51 14.50
C VAL A 13 2.78 2.32 15.17
N GLU A 14 3.18 1.12 14.76
CA GLU A 14 2.47 -0.10 15.15
C GLU A 14 2.46 -0.39 16.64
N PRO A 15 3.54 -0.16 17.42
CA PRO A 15 3.47 -0.47 18.86
C PRO A 15 2.56 0.45 19.67
N CYS A 16 2.15 1.58 19.12
CA CYS A 16 1.46 2.59 19.89
C CYS A 16 -0.06 2.45 19.88
N VAL A 17 -0.62 1.66 18.97
CA VAL A 17 -2.06 1.53 18.89
C VAL A 17 -2.56 0.76 20.10
N VAL A 18 -3.55 1.32 20.79
CA VAL A 18 -4.15 0.67 21.96
C VAL A 18 -5.63 0.46 21.68
N ARG A 19 -6.27 -0.25 22.59
CA ARG A 19 -7.71 -0.49 22.54
C ARG A 19 -8.34 0.29 23.69
N VAL A 20 -9.13 1.29 23.36
CA VAL A 20 -9.79 2.12 24.35
C VAL A 20 -11.25 1.71 24.39
N SER A 21 -11.72 1.34 25.58
CA SER A 21 -13.06 0.79 25.76
C SER A 21 -13.77 1.60 26.84
N TYR A 22 -14.76 2.39 26.44
CA TYR A 22 -15.56 3.19 27.36
C TYR A 22 -16.98 2.63 27.34
N GLY A 23 -17.30 1.77 28.31
CA GLY A 23 -18.61 1.15 28.31
C GLY A 23 -18.75 0.16 27.16
N ASN A 24 -19.88 0.23 26.47
CA ASN A 24 -20.11 -0.66 25.32
C ASN A 24 -19.17 -0.31 24.17
N THR A 25 -19.10 0.97 23.81
CA THR A 25 -18.37 1.37 22.62
C THR A 25 -16.86 1.23 22.85
N VAL A 26 -16.19 0.58 21.90
CA VAL A 26 -14.75 0.32 21.98
C VAL A 26 -14.12 0.78 20.68
N LEU A 27 -13.01 1.50 20.78
CA LEU A 27 -12.35 2.00 19.58
C LEU A 27 -10.84 2.10 19.83
N ASN A 28 -10.16 2.71 18.87
CA ASN A 28 -8.70 2.67 18.73
C ASN A 28 -8.08 3.94 19.28
N GLY A 29 -6.96 3.80 19.98
CA GLY A 29 -6.29 4.93 20.58
C GLY A 29 -4.80 4.92 20.27
N VAL A 30 -4.25 6.11 20.11
CA VAL A 30 -2.82 6.29 19.87
C VAL A 30 -2.15 6.61 21.20
N TRP A 31 -1.25 5.73 21.62
CA TRP A 31 -0.59 5.81 22.91
C TRP A 31 0.83 6.34 22.74
N LEU A 32 1.09 7.52 23.29
CA LEU A 32 2.42 8.10 23.26
C LEU A 32 2.77 8.58 24.66
N ASP A 33 3.91 8.11 25.18
CA ASP A 33 4.40 8.44 26.52
C ASP A 33 3.31 8.03 27.51
N ASP A 34 2.78 8.94 28.30
CA ASP A 34 1.72 8.63 29.25
C ASP A 34 0.34 9.00 28.73
N LYS A 35 0.22 9.50 27.52
CA LYS A 35 -1.04 10.02 26.99
C LYS A 35 -1.59 9.09 25.92
N VAL A 36 -2.92 9.08 25.81
CA VAL A 36 -3.61 8.23 24.84
C VAL A 36 -4.64 9.09 24.13
N TYR A 37 -4.47 9.28 22.83
CA TYR A 37 -5.35 10.12 22.03
C TYR A 37 -6.40 9.25 21.34
N CYS A 38 -7.65 9.67 21.42
CA CYS A 38 -8.75 8.96 20.78
C CYS A 38 -9.83 9.97 20.45
N PRO A 39 -10.69 9.67 19.49
CA PRO A 39 -11.82 10.57 19.21
C PRO A 39 -12.71 10.74 20.44
N ARG A 40 -13.16 11.97 20.67
CA ARG A 40 -13.94 12.27 21.86
C ARG A 40 -15.33 11.65 21.81
N HIS A 41 -15.80 11.28 20.62
CA HIS A 41 -17.13 10.68 20.52
C HIS A 41 -17.22 9.32 21.19
N VAL A 42 -16.11 8.76 21.67
CA VAL A 42 -16.17 7.52 22.45
C VAL A 42 -17.02 7.72 23.69
N LEU A 43 -17.03 8.95 24.23
CA LEU A 43 -17.83 9.26 25.40
C LEU A 43 -19.32 9.28 25.07
N ALA A 44 -19.67 9.42 23.80
CA ALA A 44 -21.05 9.40 23.35
C ALA A 44 -21.49 8.04 22.86
N SER A 45 -22.75 7.70 23.16
CA SER A 45 -23.39 6.49 22.66
C SER A 45 -24.75 6.80 22.08
N ASP A 46 -25.20 8.07 22.15
CA ASP A 46 -26.49 8.48 21.62
C ASP A 46 -26.63 8.01 20.19
N THR A 47 -25.79 8.58 19.33
CA THR A 47 -25.89 8.41 17.90
C THR A 47 -27.30 8.72 17.43
N THR A 48 -28.05 9.55 18.18
CA THR A 48 -29.32 9.96 17.59
C THR A 48 -29.64 11.43 17.79
N VAL A 49 -29.44 11.91 19.01
CA VAL A 49 -29.71 13.35 19.31
C VAL A 49 -28.40 14.12 19.23
N THR A 50 -28.47 15.39 18.82
CA THR A 50 -27.28 16.25 18.81
C THR A 50 -26.54 16.06 20.10
N ILE A 51 -25.22 16.03 20.02
CA ILE A 51 -24.44 15.76 21.26
C ILE A 51 -23.93 17.07 21.83
N ASP A 52 -24.12 17.27 23.13
CA ASP A 52 -23.61 18.44 23.84
C ASP A 52 -22.31 18.00 24.51
N TYR A 53 -21.21 18.09 23.75
CA TYR A 53 -19.92 17.64 24.25
C TYR A 53 -19.48 18.41 25.49
N ASP A 54 -19.72 19.72 25.50
CA ASP A 54 -19.29 20.55 26.62
C ASP A 54 -19.82 20.04 27.96
N ALA A 55 -20.99 19.41 27.95
CA ALA A 55 -21.59 18.88 29.17
C ALA A 55 -21.16 17.45 29.48
N VAL A 56 -21.00 16.61 28.47
CA VAL A 56 -20.65 15.23 28.73
C VAL A 56 -19.22 15.09 29.22
N TYR A 57 -18.35 16.06 28.93
CA TYR A 57 -16.97 15.95 29.42
C TYR A 57 -16.94 16.08 30.94
N HIS A 58 -17.63 17.08 31.48
CA HIS A 58 -17.66 17.27 32.93
C HIS A 58 -18.42 16.15 33.62
N SER A 59 -19.26 15.42 32.90
CA SER A 59 -20.01 14.31 33.45
C SER A 59 -19.46 13.02 32.83
N MET A 60 -18.23 12.71 33.24
CA MET A 60 -17.53 11.52 32.79
C MET A 60 -17.06 10.74 34.00
N ARG A 61 -17.18 9.42 33.93
CA ARG A 61 -16.74 8.56 35.02
C ARG A 61 -15.53 7.77 34.52
N LEU A 62 -14.35 8.08 35.06
CA LEU A 62 -13.14 7.42 34.59
C LEU A 62 -13.09 5.95 34.98
N HIS A 63 -13.99 5.49 35.85
CA HIS A 63 -14.01 4.08 36.21
C HIS A 63 -14.44 3.20 35.04
N ASN A 64 -15.11 3.77 34.04
CA ASN A 64 -15.58 3.01 32.90
C ASN A 64 -14.52 2.83 31.83
N PHE A 65 -13.49 3.69 31.80
CA PHE A 65 -12.40 3.53 30.86
C PHE A 65 -11.59 2.27 31.15
N SER A 66 -11.31 1.50 30.10
CA SER A 66 -10.39 0.38 30.18
C SER A 66 -9.56 0.39 28.90
N ILE A 67 -8.33 0.89 28.99
CA ILE A 67 -7.41 0.97 27.87
C ILE A 67 -6.44 -0.19 27.93
N SER A 68 -6.10 -0.76 26.77
CA SER A 68 -5.32 -1.98 26.72
C SER A 68 -4.44 -1.98 25.48
N LYS A 69 -3.28 -2.64 25.61
CA LYS A 69 -2.38 -2.94 24.49
C LYS A 69 -2.10 -4.44 24.59
N GLY A 70 -2.95 -5.24 23.93
CA GLY A 70 -2.89 -6.68 24.04
C GLY A 70 -3.54 -7.15 25.32
N ASN A 71 -2.77 -7.78 26.21
CA ASN A 71 -3.30 -8.23 27.49
C ASN A 71 -3.07 -7.23 28.63
N VAL A 72 -2.15 -6.28 28.47
CA VAL A 72 -1.90 -5.28 29.50
C VAL A 72 -3.02 -4.25 29.50
N PHE A 73 -3.51 -3.89 30.67
CA PHE A 73 -4.36 -2.72 30.85
C PHE A 73 -3.54 -1.54 31.34
N LEU A 74 -3.65 -0.41 30.65
CA LEU A 74 -3.10 0.85 31.13
C LEU A 74 -4.11 1.52 32.05
N GLY A 75 -3.64 1.95 33.22
CA GLY A 75 -4.54 2.55 34.19
C GLY A 75 -4.80 4.01 33.87
N VAL A 76 -6.08 4.36 33.77
CA VAL A 76 -6.47 5.72 33.43
C VAL A 76 -6.38 6.60 34.67
N VAL A 77 -5.87 7.82 34.50
CA VAL A 77 -5.69 8.78 35.58
C VAL A 77 -6.54 10.03 35.35
N GLY A 78 -6.40 10.65 34.17
CA GLY A 78 -7.13 11.85 33.84
C GLY A 78 -7.43 11.88 32.36
N ALA A 79 -8.18 12.89 31.96
CA ALA A 79 -8.54 13.04 30.56
C ALA A 79 -9.07 14.45 30.33
N VAL A 80 -8.47 15.16 29.37
CA VAL A 80 -8.93 16.47 28.97
C VAL A 80 -9.27 16.41 27.49
N MET A 81 -10.08 17.37 27.05
CA MET A 81 -10.61 17.37 25.69
C MET A 81 -9.88 18.43 24.89
N GLN A 82 -9.04 17.99 23.97
CA GLN A 82 -8.31 18.88 23.06
C GLN A 82 -9.03 18.81 21.72
N GLY A 83 -10.04 19.67 21.56
CA GLY A 83 -10.82 19.68 20.32
C GLY A 83 -11.73 18.48 20.24
N ALA A 84 -11.66 17.77 19.11
CA ALA A 84 -12.39 16.52 18.94
C ALA A 84 -11.63 15.32 19.49
N ASN A 85 -10.42 15.53 20.01
CA ASN A 85 -9.63 14.47 20.61
C ASN A 85 -9.89 14.44 22.11
N LEU A 86 -9.93 13.24 22.66
CA LEU A 86 -10.00 13.06 24.10
C LEU A 86 -8.61 12.59 24.53
N VAL A 87 -7.79 13.55 24.97
CA VAL A 87 -6.44 13.23 25.42
C VAL A 87 -6.56 12.63 26.82
N ILE A 88 -6.21 11.36 26.94
CA ILE A 88 -6.34 10.61 28.19
C ILE A 88 -4.95 10.36 28.74
N THR A 89 -4.77 10.60 30.04
CA THR A 89 -3.49 10.40 30.71
C THR A 89 -3.54 9.08 31.48
N VAL A 90 -2.63 8.16 31.12
CA VAL A 90 -2.56 6.86 31.77
C VAL A 90 -1.28 6.79 32.57
N SER A 91 -1.25 5.88 33.55
CA SER A 91 -0.10 5.75 34.43
C SER A 91 1.08 5.14 33.68
N GLN A 92 0.88 3.97 33.08
CA GLN A 92 1.94 3.34 32.29
C GLN A 92 2.33 4.23 31.12
N ALA A 93 3.62 4.37 30.91
CA ALA A 93 4.16 5.15 29.80
C ALA A 93 4.62 4.21 28.69
N ASN A 94 4.30 4.56 27.45
CA ASN A 94 4.58 3.66 26.34
C ASN A 94 6.08 3.55 26.18
N VAL A 95 6.63 2.43 26.63
CA VAL A 95 8.06 2.19 26.53
C VAL A 95 8.46 2.22 25.07
N ASN A 96 7.51 1.94 24.17
CA ASN A 96 7.75 1.82 22.74
C ASN A 96 7.49 3.12 21.99
N THR A 97 7.68 4.26 22.65
CA THR A 97 7.30 5.54 22.06
C THR A 97 8.39 5.96 21.08
N PRO A 98 8.08 6.18 19.82
CA PRO A 98 9.07 6.67 18.86
C PRO A 98 9.25 8.18 19.01
N SER A 99 10.11 8.74 18.17
CA SER A 99 10.25 10.19 18.12
C SER A 99 9.11 10.73 17.26
N TYR A 100 8.18 11.44 17.88
CA TYR A 100 6.98 11.90 17.21
C TYR A 100 6.90 13.42 17.20
N SER A 101 6.11 13.92 16.26
CA SER A 101 5.76 15.34 16.21
C SER A 101 4.43 15.47 15.45
N PHE A 102 3.53 16.30 15.97
CA PHE A 102 2.27 16.52 15.30
C PHE A 102 2.41 17.55 14.18
N ARG A 103 1.70 17.30 13.09
CA ARG A 103 1.66 18.20 11.96
C ARG A 103 0.28 18.10 11.31
N THR A 104 -0.13 19.19 10.67
CA THR A 104 -1.40 19.22 9.97
C THR A 104 -1.16 19.05 8.47
N LEU A 105 -2.10 18.37 7.82
CA LEU A 105 -1.99 18.07 6.40
C LEU A 105 -2.56 19.21 5.57
N LYS A 106 -1.80 19.63 4.56
CA LYS A 106 -2.32 20.53 3.54
C LYS A 106 -2.80 19.71 2.36
N ALA A 107 -3.93 20.14 1.78
CA ALA A 107 -4.66 19.31 0.82
C ALA A 107 -3.77 18.90 -0.34
N GLY A 108 -3.83 17.62 -0.69
CA GLY A 108 -3.05 17.06 -1.78
C GLY A 108 -1.86 16.23 -1.33
N GLU A 109 -1.34 16.47 -0.13
CA GLU A 109 -0.22 15.72 0.39
C GLU A 109 -0.59 14.26 0.61
N CYS A 110 0.43 13.41 0.62
CA CYS A 110 0.26 11.98 0.84
C CYS A 110 0.58 11.62 2.28
N PHE A 111 -0.14 10.62 2.80
CA PHE A 111 0.13 10.09 4.13
C PHE A 111 -0.35 8.66 4.21
N ASN A 112 -0.01 8.00 5.32
CA ASN A 112 -0.12 6.56 5.47
C ASN A 112 -1.14 6.25 6.54
N ILE A 113 -2.16 5.46 6.18
CA ILE A 113 -3.23 5.08 7.09
C ILE A 113 -2.93 3.70 7.65
N LEU A 114 -2.76 3.61 8.97
CA LEU A 114 -2.62 2.33 9.66
C LEU A 114 -3.99 1.92 10.17
N ALA A 115 -4.74 1.19 9.32
CA ALA A 115 -6.08 0.75 9.69
C ALA A 115 -6.01 -0.21 10.88
N CYS A 116 -6.73 0.13 11.94
CA CYS A 116 -6.72 -0.66 13.18
C CYS A 116 -8.13 -0.92 13.67
N TYR A 117 -8.31 -2.09 14.29
CA TYR A 117 -9.58 -2.49 14.88
C TYR A 117 -9.28 -3.19 16.20
N ASP A 118 -9.86 -2.69 17.29
CA ASP A 118 -9.63 -3.23 18.64
C ASP A 118 -8.15 -3.17 19.01
N GLY A 119 -7.53 -2.02 18.75
CA GLY A 119 -6.15 -1.84 19.18
C GLY A 119 -5.17 -2.77 18.50
N THR A 120 -5.52 -3.30 17.33
CA THR A 120 -4.65 -4.19 16.59
C THR A 120 -4.57 -3.71 15.15
N PRO A 121 -3.39 -3.43 14.63
CA PRO A 121 -3.29 -2.97 13.23
C PRO A 121 -3.70 -4.08 12.27
N ALA A 122 -4.35 -3.67 11.18
CA ALA A 122 -4.81 -4.58 10.15
C ALA A 122 -4.04 -4.43 8.85
N GLY A 123 -3.94 -3.21 8.33
CA GLY A 123 -3.23 -2.97 7.09
C GLY A 123 -2.77 -1.54 7.00
N VAL A 124 -1.67 -1.33 6.28
CA VAL A 124 -1.10 0.00 6.07
C VAL A 124 -1.17 0.31 4.58
N TYR A 125 -1.58 1.54 4.25
CA TYR A 125 -1.67 1.95 2.86
C TYR A 125 -1.62 3.46 2.77
N GLY A 126 -1.18 3.94 1.60
CA GLY A 126 -1.05 5.37 1.38
C GLY A 126 -2.29 5.95 0.72
N VAL A 127 -2.69 7.12 1.21
CA VAL A 127 -3.76 7.91 0.62
C VAL A 127 -3.27 9.35 0.49
N ASN A 128 -4.10 10.16 -0.16
CA ASN A 128 -3.86 11.59 -0.26
C ASN A 128 -5.12 12.32 0.18
N LEU A 129 -4.92 13.43 0.89
CA LEU A 129 -6.04 14.28 1.25
C LEU A 129 -6.57 14.95 -0.02
N ARG A 130 -7.89 15.04 -0.13
CA ARG A 130 -8.49 15.48 -1.37
C ARG A 130 -8.76 16.98 -1.30
N SER A 131 -9.38 17.51 -2.36
CA SER A 131 -9.73 18.92 -2.41
C SER A 131 -10.73 19.30 -1.33
N THR A 132 -11.46 18.32 -0.79
CA THR A 132 -12.47 18.55 0.24
C THR A 132 -11.95 18.25 1.64
N HIS A 133 -10.63 18.01 1.78
CA HIS A 133 -10.01 17.64 3.06
C HIS A 133 -10.61 16.33 3.60
N THR A 134 -10.93 15.42 2.70
CA THR A 134 -11.37 14.08 3.05
C THR A 134 -10.53 13.08 2.26
N ILE A 135 -10.51 11.84 2.75
CA ILE A 135 -9.71 10.80 2.12
C ILE A 135 -10.67 9.75 1.57
N LYS A 136 -10.13 8.86 0.74
CA LYS A 136 -10.88 7.75 0.18
C LYS A 136 -10.07 6.49 0.42
N GLY A 137 -10.03 6.06 1.68
CA GLY A 137 -9.42 4.81 2.06
C GLY A 137 -10.41 3.68 2.13
N SER A 138 -10.05 2.64 2.88
CA SER A 138 -10.92 1.50 3.15
C SER A 138 -11.08 1.35 4.65
N PHE A 139 -12.27 1.64 5.15
CA PHE A 139 -12.56 1.60 6.58
C PHE A 139 -13.84 0.82 6.84
N VAL A 140 -13.86 0.11 7.97
CA VAL A 140 -15.01 -0.64 8.42
C VAL A 140 -15.22 -0.29 9.89
N ASN A 141 -16.40 -0.65 10.43
CA ASN A 141 -16.75 -0.30 11.80
C ASN A 141 -15.62 -0.64 12.77
N GLY A 142 -15.37 0.27 13.72
CA GLY A 142 -14.33 0.10 14.71
C GLY A 142 -13.03 0.80 14.39
N ALA A 143 -12.91 1.41 13.21
CA ALA A 143 -11.66 2.04 12.81
C ALA A 143 -11.43 3.38 13.47
N CYS A 144 -12.42 3.91 14.20
CA CYS A 144 -12.29 5.22 14.83
C CYS A 144 -11.09 5.25 15.74
N GLY A 145 -10.15 6.15 15.47
CA GLY A 145 -8.91 6.21 16.19
C GLY A 145 -7.72 5.61 15.46
N SER A 146 -7.93 5.09 14.26
CA SER A 146 -6.81 4.60 13.46
C SER A 146 -5.93 5.77 13.07
N PRO A 147 -4.62 5.71 13.32
CA PRO A 147 -3.77 6.86 13.02
C PRO A 147 -3.40 6.93 11.55
N GLY A 148 -3.18 8.15 11.08
CA GLY A 148 -2.54 8.41 9.81
C GLY A 148 -1.24 9.15 10.06
N PHE A 149 -0.23 8.84 9.26
CA PHE A 149 1.11 9.36 9.56
C PHE A 149 1.89 9.57 8.27
N VAL A 150 2.87 10.48 8.37
CA VAL A 150 3.98 10.60 7.44
C VAL A 150 5.25 10.47 8.27
N MET A 151 6.29 9.92 7.66
CA MET A 151 7.52 9.62 8.39
C MET A 151 8.74 10.06 7.59
N ASN A 152 9.51 10.99 8.15
CA ASN A 152 10.70 11.56 7.52
C ASN A 152 11.87 11.39 8.47
N GLY A 153 12.82 10.54 8.10
CA GLY A 153 14.04 10.38 8.88
C GLY A 153 13.86 9.83 10.27
N HIS A 154 13.24 8.65 10.38
CA HIS A 154 13.10 7.90 11.62
C HIS A 154 12.25 8.64 12.65
N LYS A 155 11.44 9.59 12.21
CA LYS A 155 10.57 10.35 13.10
C LYS A 155 9.16 10.37 12.54
N VAL A 156 8.18 10.04 13.37
CA VAL A 156 6.80 9.92 12.95
C VAL A 156 6.09 11.26 13.09
N GLU A 157 5.31 11.62 12.08
CA GLU A 157 4.49 12.83 12.11
C GLU A 157 3.02 12.41 12.10
N PHE A 158 2.44 12.25 13.28
CA PHE A 158 1.02 11.93 13.39
C PHE A 158 0.20 13.09 12.86
N VAL A 159 -0.39 12.90 11.68
CA VAL A 159 -1.12 13.93 10.97
C VAL A 159 -2.60 13.61 10.85
N TYR A 160 -3.05 12.48 11.38
CA TYR A 160 -4.40 12.03 11.16
C TYR A 160 -4.84 11.10 12.29
N MET A 161 -6.11 11.21 12.67
CA MET A 161 -6.78 10.23 13.51
C MET A 161 -8.21 10.11 13.02
N HIS A 162 -8.64 8.89 12.73
CA HIS A 162 -9.94 8.70 12.11
C HIS A 162 -11.07 9.04 13.07
N GLN A 163 -12.14 9.64 12.54
CA GLN A 163 -13.24 10.10 13.37
C GLN A 163 -14.60 9.61 12.90
N ILE A 164 -14.83 9.54 11.59
CA ILE A 164 -16.20 9.39 11.08
C ILE A 164 -16.17 9.08 9.59
N GLU A 165 -17.15 8.33 9.10
CA GLU A 165 -17.29 8.04 7.68
C GLU A 165 -18.53 8.73 7.11
N LEU A 166 -18.32 9.60 6.12
CA LEU A 166 -19.41 10.20 5.37
C LEU A 166 -20.12 9.17 4.49
N GLY A 167 -21.35 9.49 4.09
CA GLY A 167 -22.06 8.65 3.14
C GLY A 167 -21.38 8.53 1.80
N ASN A 168 -20.48 9.46 1.47
CA ASN A 168 -19.75 9.46 0.21
C ASN A 168 -18.73 8.34 0.10
N ALA A 169 -18.68 7.44 1.08
CA ALA A 169 -17.54 6.55 1.31
C ALA A 169 -16.26 7.32 1.57
N SER A 170 -16.36 8.64 1.74
CA SER A 170 -15.22 9.46 2.12
C SER A 170 -15.05 9.43 3.62
N HIS A 171 -13.80 9.51 4.06
CA HIS A 171 -13.46 9.36 5.47
C HIS A 171 -12.92 10.68 6.01
N VAL A 172 -13.42 11.09 7.16
CA VAL A 172 -13.05 12.35 7.79
C VAL A 172 -12.31 12.05 9.08
N GLY A 173 -11.10 12.59 9.22
CA GLY A 173 -10.32 12.42 10.41
C GLY A 173 -10.08 13.77 11.07
N SER A 174 -9.60 13.70 12.31
CA SER A 174 -9.22 14.88 13.06
C SER A 174 -7.71 15.07 13.04
N ASP A 175 -7.30 16.29 13.32
CA ASP A 175 -5.89 16.54 13.55
C ASP A 175 -5.51 16.03 14.94
N MET A 176 -4.23 15.77 15.14
CA MET A 176 -3.78 15.44 16.49
C MET A 176 -3.84 16.65 17.42
N PHE A 177 -4.08 17.84 16.88
CA PHE A 177 -4.39 19.02 17.65
C PHE A 177 -5.88 19.18 17.91
N GLY A 178 -6.71 18.32 17.32
CA GLY A 178 -8.11 18.25 17.64
C GLY A 178 -8.99 19.04 16.70
N ASN A 179 -8.68 18.99 15.40
CA ASN A 179 -9.31 19.86 14.42
C ASN A 179 -9.78 19.03 13.24
N ILE A 180 -11.10 18.93 13.07
CA ILE A 180 -11.66 18.15 11.98
C ILE A 180 -11.24 18.74 10.64
N TYR A 181 -10.70 17.89 9.77
CA TYR A 181 -10.34 18.31 8.42
C TYR A 181 -11.59 18.66 7.62
N GLY A 182 -11.53 19.77 6.88
CA GLY A 182 -12.64 20.20 6.06
C GLY A 182 -13.78 20.88 6.81
N GLY A 183 -13.63 21.10 8.12
CA GLY A 183 -14.63 21.81 8.89
C GLY A 183 -15.85 21.01 9.27
N PHE A 184 -15.79 19.68 9.19
CA PHE A 184 -16.92 18.82 9.51
C PHE A 184 -17.08 18.69 11.02
N GLU A 185 -18.12 17.97 11.43
CA GLU A 185 -18.52 17.80 12.82
C GLU A 185 -18.70 16.32 13.12
N ASP A 186 -18.34 15.95 14.36
CA ASP A 186 -18.62 14.62 14.91
C ASP A 186 -20.02 14.59 15.53
N GLN A 187 -21.01 14.93 14.70
CA GLN A 187 -22.38 15.04 15.14
C GLN A 187 -23.26 14.09 14.33
N PRO A 188 -24.32 13.56 14.93
CA PRO A 188 -25.20 12.62 14.22
C PRO A 188 -26.18 13.30 13.29
N SER A 189 -25.72 14.32 12.57
CA SER A 189 -26.50 14.94 11.51
C SER A 189 -25.89 14.58 10.17
N ILE A 190 -26.74 14.52 9.14
CA ILE A 190 -26.26 14.19 7.80
C ILE A 190 -25.39 15.32 7.29
N GLN A 191 -24.23 14.96 6.74
CA GLN A 191 -23.27 15.92 6.22
C GLN A 191 -22.82 15.47 4.84
N LEU A 192 -22.67 16.43 3.93
CA LEU A 192 -22.34 16.14 2.55
C LEU A 192 -21.05 16.85 2.15
N GLU A 193 -20.19 16.16 1.41
CA GLU A 193 -18.96 16.77 0.95
C GLU A 193 -19.19 17.61 -0.30
N GLY A 194 -18.23 18.49 -0.60
CA GLY A 194 -18.26 19.25 -1.82
C GLY A 194 -17.73 18.45 -2.99
N VAL A 195 -17.78 19.07 -4.16
CA VAL A 195 -17.27 18.44 -5.37
C VAL A 195 -15.77 18.27 -5.26
N ALA A 196 -15.28 17.05 -5.51
CA ALA A 196 -13.85 16.78 -5.41
C ALA A 196 -13.17 17.22 -6.69
N THR A 197 -12.39 18.30 -6.62
CA THR A 197 -11.62 18.79 -7.76
C THR A 197 -10.21 18.22 -7.69
N LEU A 198 -9.71 17.77 -8.84
CA LEU A 198 -8.41 17.11 -8.88
C LEU A 198 -7.28 18.10 -8.57
N ILE A 199 -6.36 17.66 -7.72
CA ILE A 199 -5.21 18.48 -7.32
C ILE A 199 -4.21 18.51 -8.47
N THR A 200 -3.96 19.71 -9.00
CA THR A 200 -3.25 19.82 -10.27
C THR A 200 -1.79 19.40 -10.16
N GLU A 201 -1.11 19.85 -9.12
CA GLU A 201 0.32 19.54 -9.00
C GLU A 201 0.59 18.06 -8.74
N ASN A 202 -0.42 17.27 -8.40
CA ASN A 202 -0.24 15.82 -8.38
C ASN A 202 -0.46 15.20 -9.75
N VAL A 203 -1.34 15.78 -10.57
CA VAL A 203 -1.54 15.29 -11.93
C VAL A 203 -0.31 15.55 -12.78
N ILE A 204 0.44 16.62 -12.49
CA ILE A 204 1.63 16.94 -13.26
C ILE A 204 2.73 15.92 -13.01
N ALA A 205 3.05 15.68 -11.73
CA ALA A 205 4.04 14.64 -11.43
C ALA A 205 3.62 13.29 -11.97
N PHE A 206 2.31 13.07 -12.11
CA PHE A 206 1.81 11.86 -12.74
C PHE A 206 2.07 11.87 -14.24
N LEU A 207 2.15 13.05 -14.86
CA LEU A 207 2.44 13.10 -16.29
C LEU A 207 3.93 13.01 -16.58
N TYR A 208 4.77 13.64 -15.76
CA TYR A 208 6.20 13.32 -15.80
C TYR A 208 6.46 11.84 -15.53
N ALA A 209 5.62 11.20 -14.72
CA ALA A 209 5.75 9.76 -14.55
C ALA A 209 5.57 9.02 -15.89
N ALA A 210 4.65 9.50 -16.73
CA ALA A 210 4.43 8.84 -18.01
C ALA A 210 5.54 9.12 -19.00
N LEU A 211 6.15 10.30 -18.95
CA LEU A 211 7.22 10.62 -19.89
C LEU A 211 8.54 9.96 -19.49
N ILE A 212 8.79 9.84 -18.18
CA ILE A 212 9.95 9.08 -17.72
C ILE A 212 9.81 7.61 -18.11
N ASN A 213 8.59 7.10 -18.16
CA ASN A 213 8.35 5.72 -18.59
C ASN A 213 8.04 5.62 -20.07
N GLY A 214 8.30 6.68 -20.84
CA GLY A 214 8.29 6.62 -22.28
C GLY A 214 6.94 6.87 -22.94
N GLU A 215 5.84 6.83 -22.20
CA GLU A 215 4.54 7.08 -22.80
C GLU A 215 4.47 8.55 -23.22
N ARG A 216 4.74 8.81 -24.50
CA ARG A 216 4.76 10.16 -25.03
C ARG A 216 3.67 10.39 -26.07
N TRP A 217 2.72 9.46 -26.19
CA TRP A 217 1.72 9.55 -27.24
C TRP A 217 0.78 10.73 -27.01
N TRP A 218 0.46 11.02 -25.75
CA TRP A 218 -0.46 12.11 -25.43
C TRP A 218 0.18 13.49 -25.55
N CYS A 219 1.50 13.58 -25.56
CA CYS A 219 2.19 14.85 -25.50
C CYS A 219 2.37 15.44 -26.89
N SER A 220 2.22 16.77 -26.98
CA SER A 220 2.35 17.50 -28.23
C SER A 220 3.10 18.81 -27.97
N ASN A 221 3.27 19.60 -29.02
CA ASN A 221 4.06 20.83 -28.94
C ASN A 221 3.30 22.01 -28.34
N GLU A 222 2.06 21.81 -27.91
CA GLU A 222 1.25 22.92 -27.43
C GLU A 222 1.60 23.27 -25.98
N ARG A 223 1.50 24.57 -25.67
CA ARG A 223 1.86 25.09 -24.36
C ARG A 223 0.89 26.19 -23.95
N CYS A 224 0.47 26.13 -22.69
CA CYS A 224 -0.48 27.06 -22.13
C CYS A 224 0.14 27.77 -20.93
N THR A 225 -0.26 29.03 -20.75
CA THR A 225 0.27 29.83 -19.65
C THR A 225 -0.27 29.32 -18.33
N ILE A 226 0.49 29.56 -17.25
CA ILE A 226 -0.03 29.30 -15.92
C ILE A 226 -1.36 30.01 -15.74
N ASP A 227 -1.52 31.16 -16.40
CA ASP A 227 -2.70 32.01 -16.21
C ASP A 227 -3.91 31.42 -16.93
N SER A 228 -3.80 31.15 -18.23
CA SER A 228 -4.93 30.65 -19.00
C SER A 228 -5.45 29.32 -18.47
N PHE A 229 -4.58 28.53 -17.84
CA PHE A 229 -5.04 27.30 -17.20
C PHE A 229 -5.81 27.61 -15.92
N ASN A 230 -5.21 28.42 -15.04
CA ASN A 230 -5.89 28.82 -13.81
C ASN A 230 -7.28 29.35 -14.09
N GLU A 231 -7.43 30.11 -15.17
CA GLU A 231 -8.75 30.57 -15.59
C GLU A 231 -9.62 29.37 -15.98
N TRP A 232 -9.10 28.50 -16.85
CA TRP A 232 -9.84 27.32 -17.29
C TRP A 232 -10.03 26.30 -16.18
N ALA A 233 -9.16 26.32 -15.16
CA ALA A 233 -9.16 25.25 -14.16
C ALA A 233 -10.43 25.24 -13.33
N LEU A 234 -10.81 26.40 -12.79
CA LEU A 234 -11.95 26.46 -11.87
C LEU A 234 -13.20 25.89 -12.50
N GLY A 235 -13.51 26.30 -13.73
CA GLY A 235 -14.73 25.85 -14.39
C GLY A 235 -14.71 24.40 -14.82
N ASN A 236 -13.56 23.72 -14.70
CA ASN A 236 -13.41 22.35 -15.16
C ASN A 236 -12.96 21.41 -14.05
N GLY A 237 -13.23 21.77 -12.79
CA GLY A 237 -12.94 20.92 -11.66
C GLY A 237 -11.47 20.65 -11.39
N PHE A 238 -10.63 21.68 -11.50
CA PHE A 238 -9.21 21.57 -11.20
C PHE A 238 -8.79 22.71 -10.29
N THR A 239 -7.72 22.48 -9.53
CA THR A 239 -7.17 23.50 -8.66
C THR A 239 -6.16 24.37 -9.40
N ASN A 240 -6.06 25.63 -8.96
CA ASN A 240 -5.14 26.56 -9.59
C ASN A 240 -3.70 26.29 -9.14
N LEU A 241 -2.76 26.77 -9.96
CA LEU A 241 -1.33 26.53 -9.77
C LEU A 241 -0.66 27.81 -9.30
N VAL A 242 0.19 27.69 -8.28
CA VAL A 242 0.86 28.85 -7.70
C VAL A 242 2.15 29.17 -8.42
N SER A 243 3.01 28.17 -8.59
CA SER A 243 4.28 28.35 -9.29
C SER A 243 4.71 26.99 -9.83
N GLY A 244 5.75 27.00 -10.66
CA GLY A 244 6.27 25.79 -11.25
C GLY A 244 7.77 25.63 -11.06
N ASP A 245 8.22 25.99 -9.86
CA ASP A 245 9.65 26.00 -9.56
C ASP A 245 10.19 24.60 -9.26
N GLY A 246 9.43 23.80 -8.51
CA GLY A 246 9.95 22.51 -8.08
C GLY A 246 10.06 21.50 -9.20
N PHE A 247 9.16 21.56 -10.18
CA PHE A 247 9.22 20.63 -11.31
C PHE A 247 10.41 20.90 -12.21
N SER A 248 11.01 22.09 -12.14
CA SER A 248 12.13 22.43 -13.01
C SER A 248 13.25 21.39 -12.92
N MET A 249 13.39 20.73 -11.77
CA MET A 249 14.39 19.68 -11.64
C MET A 249 14.05 18.50 -12.54
N LEU A 250 12.81 18.02 -12.48
CA LEU A 250 12.37 16.94 -13.37
C LEU A 250 12.18 17.42 -14.80
N ALA A 251 11.78 18.68 -14.98
CA ALA A 251 11.49 19.17 -16.32
C ALA A 251 12.73 19.14 -17.20
N ALA A 252 13.92 19.30 -16.61
CA ALA A 252 15.15 19.34 -17.39
C ALA A 252 15.54 17.95 -17.87
N LYS A 253 15.54 16.96 -16.96
CA LYS A 253 15.89 15.61 -17.35
C LYS A 253 14.95 15.08 -18.44
N THR A 254 13.65 15.39 -18.33
CA THR A 254 12.71 14.95 -19.34
C THR A 254 12.78 15.78 -20.61
N GLY A 255 13.12 17.06 -20.49
CA GLY A 255 13.03 17.98 -21.60
C GLY A 255 11.63 18.46 -21.94
N VAL A 256 10.63 18.12 -21.12
CA VAL A 256 9.25 18.52 -21.35
C VAL A 256 8.94 19.69 -20.42
N ASP A 257 8.49 20.79 -21.01
CA ASP A 257 8.25 22.00 -20.23
C ASP A 257 7.02 21.82 -19.33
N VAL A 258 6.96 22.66 -18.30
CA VAL A 258 5.80 22.66 -17.41
C VAL A 258 4.58 23.23 -18.12
N CYS A 259 4.77 24.26 -18.94
CA CYS A 259 3.66 24.85 -19.68
C CYS A 259 3.09 23.89 -20.72
N GLN A 260 3.85 22.85 -21.05
CA GLN A 260 3.43 21.90 -22.09
C GLN A 260 2.50 20.83 -21.54
N LEU A 261 2.70 20.41 -20.29
CA LEU A 261 1.76 19.48 -19.69
C LEU A 261 0.41 20.14 -19.47
N LEU A 262 0.41 21.44 -19.19
CA LEU A 262 -0.85 22.14 -18.96
C LEU A 262 -1.74 22.07 -20.20
N SER A 263 -1.15 22.30 -21.38
CA SER A 263 -1.90 22.10 -22.61
C SER A 263 -2.38 20.66 -22.74
N ALA A 264 -1.60 19.70 -22.24
CA ALA A 264 -2.03 18.31 -22.26
C ALA A 264 -3.16 18.05 -21.29
N ILE A 265 -3.09 18.62 -20.08
CA ILE A 265 -4.14 18.40 -19.09
C ILE A 265 -5.47 18.93 -19.59
N GLN A 266 -5.48 20.18 -20.10
CA GLN A 266 -6.70 20.72 -20.69
C GLN A 266 -7.27 19.77 -21.75
N ARG A 267 -6.40 19.07 -22.47
CA ARG A 267 -6.84 18.07 -23.43
C ARG A 267 -7.18 16.76 -22.73
N LEU A 268 -6.23 16.22 -21.96
CA LEU A 268 -6.40 14.89 -21.37
C LEU A 268 -7.50 14.85 -20.32
N ALA A 269 -7.76 15.96 -19.63
CA ALA A 269 -8.81 15.97 -18.61
C ALA A 269 -10.15 15.64 -19.25
N THR A 270 -10.76 14.55 -18.79
CA THR A 270 -11.97 14.01 -19.40
C THR A 270 -11.78 13.80 -20.90
N GLY A 271 -10.56 13.37 -21.27
CA GLY A 271 -10.19 13.25 -22.67
C GLY A 271 -9.55 11.95 -23.10
N LEU A 272 -9.07 11.13 -22.15
CA LEU A 272 -8.49 9.84 -22.48
C LEU A 272 -9.39 9.00 -23.38
N GLY A 273 -8.92 8.74 -24.59
CA GLY A 273 -9.56 7.81 -25.50
C GLY A 273 -9.39 6.40 -25.01
N GLY A 274 -9.45 5.42 -25.92
CA GLY A 274 -9.23 4.05 -25.52
C GLY A 274 -7.90 3.86 -24.83
N LYS A 275 -6.86 4.53 -25.33
CA LYS A 275 -5.53 4.38 -24.76
C LYS A 275 -5.47 4.91 -23.34
N THR A 276 -4.87 4.12 -22.46
CA THR A 276 -4.73 4.46 -21.04
C THR A 276 -3.29 4.86 -20.78
N ILE A 277 -3.05 5.45 -19.61
CA ILE A 277 -1.73 5.90 -19.23
C ILE A 277 -1.36 5.15 -17.96
N LEU A 278 -0.29 4.36 -18.02
CA LEU A 278 0.28 3.71 -16.84
C LEU A 278 -0.76 2.88 -16.09
N GLY A 279 -1.77 2.38 -16.81
CA GLY A 279 -2.85 1.64 -16.20
C GLY A 279 -4.07 2.42 -15.80
N TYR A 280 -4.23 3.66 -16.28
CA TYR A 280 -5.35 4.51 -15.90
C TYR A 280 -6.04 5.06 -17.14
N ALA A 281 -7.37 4.98 -17.15
CA ALA A 281 -8.17 5.57 -18.22
C ALA A 281 -8.70 6.94 -17.83
N SER A 282 -8.21 7.52 -16.73
CA SER A 282 -8.57 8.86 -16.31
C SER A 282 -7.44 9.41 -15.45
N LEU A 283 -7.26 10.73 -15.51
CA LEU A 283 -6.20 11.37 -14.76
C LEU A 283 -6.43 11.18 -13.27
N THR A 284 -5.34 11.01 -12.51
CA THR A 284 -5.42 10.74 -11.08
C THR A 284 -4.47 11.65 -10.33
N ASP A 285 -4.86 12.01 -9.11
CA ASP A 285 -4.08 12.89 -8.25
C ASP A 285 -3.46 12.15 -7.08
N GLU A 286 -3.38 10.81 -7.16
CA GLU A 286 -2.85 10.04 -6.04
C GLU A 286 -1.36 10.30 -5.81
N TYR A 287 -0.62 10.60 -6.86
CA TYR A 287 0.83 10.58 -6.81
C TYR A 287 1.36 12.01 -6.73
N THR A 288 2.23 12.26 -5.74
CA THR A 288 2.80 13.56 -5.49
C THR A 288 4.17 13.66 -6.15
N LEU A 289 4.78 14.84 -6.08
CA LEU A 289 6.13 15.00 -6.62
C LEU A 289 7.14 14.21 -5.79
N SER A 290 7.00 14.26 -4.47
CA SER A 290 7.90 13.51 -3.60
C SER A 290 7.86 12.03 -3.94
N GLU A 291 6.65 11.50 -4.15
CA GLU A 291 6.51 10.07 -4.41
C GLU A 291 7.12 9.69 -5.75
N VAL A 292 6.96 10.55 -6.77
CA VAL A 292 7.54 10.27 -8.07
C VAL A 292 9.06 10.20 -7.99
N VAL A 293 9.68 11.13 -7.27
CA VAL A 293 11.13 11.17 -7.22
C VAL A 293 11.69 9.98 -6.45
N ARG A 294 10.96 9.49 -5.45
CA ARG A 294 11.44 8.34 -4.69
C ARG A 294 11.29 7.04 -5.48
N GLN A 295 10.31 6.97 -6.39
CA GLN A 295 10.06 5.76 -7.17
C GLN A 295 10.73 5.77 -8.54
N MET A 296 11.35 6.87 -8.95
CA MET A 296 12.01 6.98 -10.24
C MET A 296 13.51 7.14 -10.14
N TYR A 297 14.00 7.90 -9.16
CA TYR A 297 15.42 8.15 -8.99
C TYR A 297 15.81 7.93 -7.53
N GLY A 298 15.59 6.71 -7.04
CA GLY A 298 15.93 6.37 -5.68
C GLY A 298 15.18 7.16 -4.63
N ALA B 1 -14.59 0.20 3.36
CA ALA B 1 -15.60 0.99 2.67
C ALA B 1 -15.20 1.24 1.22
N GLY B 2 -13.89 1.16 0.95
CA GLY B 2 -13.37 1.29 -0.38
C GLY B 2 -12.53 0.07 -0.73
N LEU B 3 -12.16 -0.01 -2.00
CA LEU B 3 -11.24 -1.05 -2.47
C LEU B 3 -9.87 -0.42 -2.61
N LYS B 4 -8.94 -0.85 -1.76
CA LYS B 4 -7.64 -0.21 -1.63
C LYS B 4 -6.61 -1.30 -1.38
N LYS B 5 -5.79 -1.58 -2.39
CA LYS B 5 -4.72 -2.56 -2.22
C LYS B 5 -3.82 -2.12 -1.07
N MET B 6 -3.80 -2.92 -0.01
CA MET B 6 -3.11 -2.55 1.22
C MET B 6 -2.24 -3.71 1.67
N ALA B 7 -1.20 -3.39 2.42
CA ALA B 7 -0.28 -4.38 2.93
C ALA B 7 -0.44 -4.53 4.43
N GLN B 8 -0.20 -5.75 4.92
CA GLN B 8 -0.29 -6.00 6.34
C GLN B 8 0.88 -5.31 7.04
N PRO B 9 0.77 -5.08 8.35
CA PRO B 9 1.82 -4.31 9.04
C PRO B 9 3.16 -5.02 8.99
N SER B 10 4.18 -4.27 8.56
CA SER B 10 5.52 -4.78 8.34
C SER B 10 6.45 -4.60 9.55
N GLY B 11 5.88 -4.41 10.74
CA GLY B 11 6.70 -4.10 11.91
C GLY B 11 7.67 -5.21 12.25
N LEU B 12 7.24 -6.46 12.15
CA LEU B 12 8.09 -7.57 12.56
C LEU B 12 9.21 -7.83 11.57
N VAL B 13 9.03 -7.47 10.31
CA VAL B 13 10.05 -7.75 9.30
C VAL B 13 11.16 -6.69 9.34
N GLU B 14 10.82 -5.47 9.76
CA GLU B 14 11.78 -4.37 9.69
C GLU B 14 13.06 -4.57 10.50
N PRO B 15 13.07 -5.26 11.65
CA PRO B 15 14.34 -5.47 12.35
C PRO B 15 15.34 -6.33 11.58
N CYS B 16 14.87 -7.12 10.62
CA CYS B 16 15.69 -8.15 9.98
C CYS B 16 16.42 -7.66 8.74
N VAL B 17 15.90 -6.64 8.06
CA VAL B 17 16.52 -6.19 6.83
C VAL B 17 17.88 -5.60 7.13
N VAL B 18 18.92 -6.10 6.45
CA VAL B 18 20.29 -5.65 6.68
C VAL B 18 20.95 -5.32 5.35
N ARG B 19 21.97 -4.47 5.44
CA ARG B 19 22.75 -4.06 4.29
C ARG B 19 23.86 -5.06 4.07
N VAL B 20 23.83 -5.75 2.93
CA VAL B 20 24.83 -6.76 2.58
C VAL B 20 25.67 -6.21 1.44
N SER B 21 26.98 -6.17 1.64
CA SER B 21 27.90 -5.59 0.66
C SER B 21 29.08 -6.53 0.45
N TYR B 22 29.44 -6.75 -0.81
CA TYR B 22 30.58 -7.58 -1.20
C TYR B 22 31.35 -6.82 -2.28
N GLY B 23 32.17 -5.86 -1.85
CA GLY B 23 32.91 -5.05 -2.80
C GLY B 23 32.05 -4.01 -3.48
N ASN B 24 31.81 -4.17 -4.78
CA ASN B 24 31.05 -3.16 -5.53
C ASN B 24 29.55 -3.30 -5.28
N THR B 25 28.99 -4.47 -5.59
CA THR B 25 27.55 -4.67 -5.46
C THR B 25 27.13 -4.60 -4.00
N VAL B 26 26.13 -3.77 -3.71
CA VAL B 26 25.59 -3.60 -2.36
C VAL B 26 24.07 -3.71 -2.47
N LEU B 27 23.48 -4.58 -1.67
CA LEU B 27 22.06 -4.88 -1.78
C LEU B 27 21.55 -5.41 -0.45
N ASN B 28 20.25 -5.66 -0.38
CA ASN B 28 19.58 -5.95 0.88
C ASN B 28 19.56 -7.43 1.14
N GLY B 29 19.36 -7.77 2.42
CA GLY B 29 19.29 -9.16 2.83
C GLY B 29 18.47 -9.28 4.09
N VAL B 30 18.01 -10.50 4.35
CA VAL B 30 17.17 -10.77 5.51
C VAL B 30 18.05 -11.40 6.57
N TRP B 31 18.06 -10.81 7.75
CA TRP B 31 18.80 -11.31 8.90
C TRP B 31 17.79 -11.99 9.80
N LEU B 32 17.69 -13.31 9.68
CA LEU B 32 16.85 -14.05 10.59
C LEU B 32 17.68 -14.45 11.78
N ASP B 33 17.59 -15.70 12.23
CA ASP B 33 18.26 -16.08 13.47
C ASP B 33 19.69 -16.46 13.09
N ASP B 34 20.60 -15.50 13.29
CA ASP B 34 22.05 -15.44 13.00
C ASP B 34 22.43 -15.83 11.57
N LYS B 35 21.48 -15.84 10.63
CA LYS B 35 21.82 -16.11 9.24
C LYS B 35 21.20 -15.05 8.35
N VAL B 36 22.01 -14.52 7.44
CA VAL B 36 21.58 -13.50 6.49
C VAL B 36 21.38 -14.16 5.13
N TYR B 37 20.19 -13.97 4.56
CA TYR B 37 19.88 -14.50 3.25
C TYR B 37 19.94 -13.36 2.26
N CYS B 38 20.46 -13.62 1.07
CA CYS B 38 20.61 -12.59 0.06
C CYS B 38 20.77 -13.25 -1.29
N PRO B 39 20.43 -12.56 -2.37
CA PRO B 39 20.60 -13.14 -3.71
C PRO B 39 22.07 -13.46 -3.97
N ARG B 40 22.30 -14.59 -4.66
CA ARG B 40 23.67 -15.02 -4.89
C ARG B 40 24.39 -14.15 -5.91
N HIS B 41 23.68 -13.29 -6.65
CA HIS B 41 24.34 -12.42 -7.61
C HIS B 41 25.01 -11.22 -6.96
N VAL B 42 25.12 -11.20 -5.63
CA VAL B 42 25.95 -10.20 -4.98
C VAL B 42 27.43 -10.57 -5.13
N LEU B 43 27.73 -11.87 -5.20
CA LEU B 43 29.09 -12.32 -5.42
C LEU B 43 29.56 -11.94 -6.82
N ALA B 44 28.72 -12.15 -7.82
CA ALA B 44 29.04 -11.73 -9.18
C ALA B 44 28.87 -10.23 -9.32
N SER B 45 29.84 -9.61 -10.00
CA SER B 45 29.80 -8.21 -10.36
C SER B 45 29.69 -8.01 -11.86
N ASP B 46 29.66 -9.09 -12.63
CA ASP B 46 29.67 -9.05 -14.09
C ASP B 46 28.25 -9.14 -14.62
N THR B 47 27.88 -8.20 -15.51
CA THR B 47 26.58 -8.26 -16.16
C THR B 47 26.69 -8.41 -17.68
N THR B 48 27.80 -8.98 -18.17
CA THR B 48 27.97 -9.19 -19.61
C THR B 48 27.45 -10.57 -20.05
N VAL B 49 28.21 -11.61 -19.73
CA VAL B 49 27.94 -12.96 -20.20
C VAL B 49 27.37 -13.81 -19.06
N THR B 50 26.93 -15.01 -19.39
CA THR B 50 26.58 -16.01 -18.38
C THR B 50 27.74 -16.27 -17.45
N ILE B 51 27.44 -16.39 -16.16
CA ILE B 51 28.44 -16.48 -15.10
C ILE B 51 28.38 -17.86 -14.45
N ASP B 52 29.54 -18.52 -14.32
CA ASP B 52 29.63 -19.81 -13.66
C ASP B 52 29.58 -19.57 -12.15
N TYR B 53 28.38 -19.71 -11.57
CA TYR B 53 28.22 -19.47 -10.14
C TYR B 53 28.96 -20.52 -9.30
N ASP B 54 29.05 -21.75 -9.80
CA ASP B 54 29.80 -22.78 -9.09
C ASP B 54 31.27 -22.42 -8.95
N ALA B 55 31.84 -21.75 -9.95
CA ALA B 55 33.23 -21.31 -9.89
C ALA B 55 33.40 -19.97 -9.20
N VAL B 56 32.34 -19.16 -9.14
CA VAL B 56 32.41 -17.90 -8.42
C VAL B 56 32.19 -18.12 -6.93
N TYR B 57 31.37 -19.11 -6.56
CA TYR B 57 31.17 -19.43 -5.15
C TYR B 57 32.45 -19.84 -4.45
N HIS B 58 33.36 -20.53 -5.16
CA HIS B 58 34.62 -20.92 -4.55
C HIS B 58 35.62 -19.77 -4.53
N SER B 59 35.61 -18.92 -5.56
CA SER B 59 36.41 -17.70 -5.56
C SER B 59 35.70 -16.64 -4.73
N MET B 60 35.57 -16.94 -3.43
CA MET B 60 34.84 -16.10 -2.49
C MET B 60 35.71 -15.86 -1.27
N ARG B 61 36.02 -14.59 -1.01
CA ARG B 61 36.80 -14.21 0.15
C ARG B 61 35.84 -13.61 1.18
N LEU B 62 35.59 -14.36 2.26
CA LEU B 62 34.70 -13.89 3.32
C LEU B 62 35.18 -12.57 3.91
N HIS B 63 36.49 -12.31 3.84
CA HIS B 63 37.04 -11.06 4.36
C HIS B 63 36.48 -9.86 3.61
N ASN B 64 36.06 -10.05 2.36
CA ASN B 64 35.47 -8.99 1.55
C ASN B 64 34.06 -8.61 2.01
N PHE B 65 33.37 -9.50 2.74
CA PHE B 65 31.98 -9.26 3.09
C PHE B 65 31.81 -8.16 4.12
N SER B 66 30.83 -7.28 3.88
CA SER B 66 30.46 -6.21 4.80
C SER B 66 28.94 -6.24 4.98
N ILE B 67 28.48 -6.74 6.13
CA ILE B 67 27.07 -6.70 6.50
C ILE B 67 26.90 -5.66 7.61
N SER B 68 25.83 -4.88 7.51
CA SER B 68 25.55 -3.86 8.52
C SER B 68 24.05 -3.62 8.60
N LYS B 69 23.59 -3.33 9.82
CA LYS B 69 22.22 -2.89 10.08
C LYS B 69 22.38 -1.53 10.76
N GLY B 70 22.40 -0.47 9.95
CA GLY B 70 22.66 0.85 10.50
C GLY B 70 24.14 0.98 10.82
N ASN B 71 24.41 1.54 12.01
CA ASN B 71 25.79 1.70 12.45
C ASN B 71 26.42 0.36 12.85
N VAL B 72 25.61 -0.61 13.29
CA VAL B 72 26.16 -1.88 13.74
C VAL B 72 26.66 -2.67 12.54
N PHE B 73 27.87 -3.19 12.64
CA PHE B 73 28.47 -4.03 11.62
C PHE B 73 28.48 -5.47 12.12
N LEU B 74 27.95 -6.37 11.31
CA LEU B 74 27.92 -7.78 11.66
C LEU B 74 29.22 -8.45 11.23
N GLY B 75 29.65 -9.43 12.00
CA GLY B 75 30.84 -10.18 11.67
C GLY B 75 30.48 -11.45 10.92
N VAL B 76 30.90 -11.51 9.64
CA VAL B 76 30.55 -12.63 8.80
C VAL B 76 31.38 -13.84 9.20
N VAL B 77 30.75 -15.02 9.19
CA VAL B 77 31.40 -16.25 9.62
C VAL B 77 31.37 -17.28 8.50
N GLY B 78 30.18 -17.72 8.10
CA GLY B 78 30.06 -18.74 7.09
C GLY B 78 29.23 -18.32 5.89
N ALA B 79 29.34 -19.06 4.79
CA ALA B 79 28.61 -18.73 3.57
C ALA B 79 28.46 -19.99 2.73
N VAL B 80 27.22 -20.41 2.48
CA VAL B 80 26.92 -21.54 1.61
C VAL B 80 25.89 -21.10 0.58
N MET B 81 26.14 -21.46 -0.69
CA MET B 81 25.21 -21.14 -1.76
C MET B 81 24.10 -22.18 -1.76
N GLN B 82 22.86 -21.73 -1.58
CA GLN B 82 21.69 -22.60 -1.64
C GLN B 82 20.83 -22.16 -2.81
N GLY B 83 20.85 -22.95 -3.89
CA GLY B 83 20.10 -22.56 -5.07
C GLY B 83 20.63 -21.26 -5.62
N ALA B 84 19.74 -20.28 -5.75
CA ALA B 84 20.10 -18.94 -6.22
C ALA B 84 20.25 -17.94 -5.08
N ASN B 85 20.38 -18.43 -3.85
CA ASN B 85 20.48 -17.58 -2.67
C ASN B 85 21.78 -17.86 -1.93
N LEU B 86 22.09 -16.97 -0.98
CA LEU B 86 23.31 -17.07 -0.19
C LEU B 86 22.90 -17.07 1.28
N VAL B 87 23.10 -18.18 1.95
CA VAL B 87 22.87 -18.27 3.39
C VAL B 87 24.19 -17.93 4.06
N ILE B 88 24.25 -16.76 4.72
CA ILE B 88 25.45 -16.27 5.36
C ILE B 88 25.28 -16.39 6.86
N THR B 89 26.24 -17.03 7.52
CA THR B 89 26.21 -17.16 8.98
C THR B 89 27.07 -16.07 9.60
N VAL B 90 26.55 -15.47 10.66
CA VAL B 90 27.20 -14.36 11.36
C VAL B 90 27.13 -14.60 12.86
N SER B 91 27.84 -13.76 13.61
CA SER B 91 28.04 -14.00 15.03
C SER B 91 26.85 -13.52 15.85
N GLN B 92 26.47 -12.25 15.70
CA GLN B 92 25.30 -11.76 16.40
C GLN B 92 24.03 -12.39 15.84
N ALA B 93 23.06 -12.65 16.70
CA ALA B 93 21.76 -13.16 16.29
C ALA B 93 20.73 -12.02 16.25
N ASN B 94 19.91 -11.98 15.21
CA ASN B 94 18.85 -10.97 15.25
C ASN B 94 18.04 -11.33 16.47
N VAL B 95 18.27 -10.58 17.55
CA VAL B 95 17.59 -10.80 18.82
C VAL B 95 16.09 -10.64 18.69
N ASN B 96 15.63 -10.04 17.59
CA ASN B 96 14.19 -9.76 17.39
C ASN B 96 13.63 -10.67 16.31
N THR B 97 14.28 -11.80 16.06
CA THR B 97 13.88 -12.77 15.07
C THR B 97 12.44 -13.17 15.37
N PRO B 98 11.51 -12.77 14.51
CA PRO B 98 10.10 -13.06 14.76
C PRO B 98 9.76 -14.52 14.60
N SER B 99 8.50 -14.86 14.83
CA SER B 99 8.04 -16.21 14.58
C SER B 99 8.01 -16.39 13.07
N TYR B 100 9.10 -16.91 12.51
CA TYR B 100 9.29 -16.90 11.06
C TYR B 100 9.21 -18.31 10.49
N SER B 101 9.02 -18.37 9.19
CA SER B 101 8.92 -19.61 8.43
C SER B 101 8.96 -19.24 6.96
N PHE B 102 9.27 -20.22 6.11
CA PHE B 102 9.34 -19.99 4.68
C PHE B 102 8.14 -20.63 4.00
N ARG B 103 7.91 -20.21 2.76
CA ARG B 103 6.88 -20.82 1.93
C ARG B 103 7.12 -20.42 0.49
N THR B 104 6.62 -21.25 -0.42
CA THR B 104 6.56 -20.94 -1.83
C THR B 104 5.11 -20.68 -2.18
N LEU B 105 4.87 -19.72 -3.05
CA LEU B 105 3.52 -19.29 -3.36
C LEU B 105 3.04 -19.91 -4.65
N LYS B 106 1.86 -20.53 -4.60
CA LYS B 106 1.12 -20.85 -5.80
C LYS B 106 0.60 -19.57 -6.42
N ALA B 107 0.48 -19.57 -7.75
CA ALA B 107 0.14 -18.35 -8.47
C ALA B 107 -1.23 -17.82 -8.04
N GLY B 108 -1.36 -16.50 -7.99
CA GLY B 108 -2.62 -15.85 -7.71
C GLY B 108 -2.75 -15.29 -6.30
N GLU B 109 -1.96 -15.77 -5.35
CA GLU B 109 -2.06 -15.29 -3.98
C GLU B 109 -1.43 -13.91 -3.84
N CYS B 110 -1.89 -13.17 -2.82
CA CYS B 110 -1.39 -11.84 -2.52
C CYS B 110 -0.42 -11.90 -1.34
N PHE B 111 0.67 -11.15 -1.44
CA PHE B 111 1.63 -11.04 -0.36
C PHE B 111 2.13 -9.60 -0.27
N ASN B 112 3.10 -9.36 0.63
CA ASN B 112 3.49 -8.02 1.05
C ASN B 112 4.96 -7.79 0.77
N ILE B 113 5.26 -6.75 0.01
CA ILE B 113 6.63 -6.44 -0.43
C ILE B 113 7.17 -5.30 0.41
N LEU B 114 8.40 -5.45 0.89
CA LEU B 114 9.09 -4.45 1.70
C LEU B 114 10.31 -3.98 0.89
N ALA B 115 10.11 -2.97 0.04
CA ALA B 115 11.20 -2.46 -0.79
C ALA B 115 12.27 -1.79 0.07
N CYS B 116 13.53 -2.12 -0.19
CA CYS B 116 14.64 -1.57 0.58
C CYS B 116 15.77 -1.13 -0.33
N TYR B 117 16.51 -0.12 0.13
CA TYR B 117 17.69 0.38 -0.55
C TYR B 117 18.72 0.77 0.52
N ASP B 118 19.93 0.24 0.39
CA ASP B 118 21.00 0.47 1.36
C ASP B 118 20.61 -0.02 2.76
N GLY B 119 19.99 -1.21 2.82
CA GLY B 119 19.58 -1.78 4.09
C GLY B 119 18.52 -1.00 4.82
N THR B 120 17.88 -0.05 4.12
CA THR B 120 16.87 0.80 4.72
C THR B 120 15.49 0.45 4.18
N PRO B 121 14.57 -0.04 5.02
CA PRO B 121 13.18 -0.20 4.57
C PRO B 121 12.59 1.12 4.11
N ALA B 122 11.85 1.09 3.00
CA ALA B 122 11.38 2.34 2.40
C ALA B 122 9.89 2.33 2.05
N GLY B 123 9.31 1.17 1.78
CA GLY B 123 7.90 1.11 1.44
C GLY B 123 7.32 -0.28 1.60
N VAL B 124 6.00 -0.35 1.68
CA VAL B 124 5.32 -1.63 1.88
C VAL B 124 3.94 -1.57 1.21
N TYR B 125 3.65 -2.56 0.37
CA TYR B 125 2.45 -2.55 -0.47
C TYR B 125 2.09 -3.99 -0.82
N GLY B 126 0.81 -4.21 -1.10
CA GLY B 126 0.33 -5.54 -1.45
C GLY B 126 0.47 -5.80 -2.94
N VAL B 127 0.81 -7.03 -3.27
CA VAL B 127 0.91 -7.48 -4.66
C VAL B 127 0.51 -8.94 -4.70
N ASN B 128 -0.06 -9.37 -5.84
CA ASN B 128 -0.37 -10.77 -6.04
C ASN B 128 0.46 -11.31 -7.20
N LEU B 129 0.91 -12.56 -7.04
CA LEU B 129 1.73 -13.22 -8.05
C LEU B 129 0.91 -13.49 -9.31
N ARG B 130 1.43 -13.05 -10.46
CA ARG B 130 0.75 -13.31 -11.72
C ARG B 130 0.93 -14.77 -12.14
N SER B 131 0.20 -15.15 -13.20
CA SER B 131 0.26 -16.52 -13.67
C SER B 131 1.63 -16.86 -14.26
N THR B 132 2.30 -15.89 -14.88
CA THR B 132 3.66 -16.12 -15.36
C THR B 132 4.66 -16.24 -14.20
N HIS B 133 4.18 -16.19 -12.96
CA HIS B 133 5.01 -16.25 -11.76
C HIS B 133 5.96 -15.04 -11.67
N THR B 134 5.51 -13.89 -12.19
CA THR B 134 6.22 -12.63 -12.00
C THR B 134 5.26 -11.61 -11.41
N ILE B 135 5.61 -11.05 -10.26
CA ILE B 135 4.89 -9.93 -9.70
C ILE B 135 5.22 -8.69 -10.52
N LYS B 136 4.44 -7.63 -10.34
CA LYS B 136 4.65 -6.38 -11.06
C LYS B 136 4.55 -5.26 -10.03
N GLY B 137 5.71 -4.78 -9.57
CA GLY B 137 5.75 -3.76 -8.54
C GLY B 137 6.74 -2.65 -8.85
N SER B 138 7.14 -1.90 -7.82
CA SER B 138 8.07 -0.79 -7.97
C SER B 138 9.42 -1.16 -7.37
N PHE B 139 10.47 -1.08 -8.19
CA PHE B 139 11.83 -1.38 -7.74
C PHE B 139 12.83 -0.55 -8.53
N VAL B 140 13.67 0.17 -7.79
CA VAL B 140 14.74 0.97 -8.37
C VAL B 140 16.03 0.17 -8.20
N ASN B 141 17.10 0.63 -8.87
CA ASN B 141 18.42 0.04 -8.70
C ASN B 141 18.77 -0.07 -7.21
N GLY B 142 19.31 -1.23 -6.83
CA GLY B 142 19.71 -1.48 -5.45
C GLY B 142 18.68 -2.16 -4.58
N ALA B 143 17.52 -2.55 -5.11
CA ALA B 143 16.51 -3.21 -4.32
C ALA B 143 16.65 -4.74 -4.32
N CYS B 144 17.72 -5.27 -4.89
CA CYS B 144 17.96 -6.71 -4.86
C CYS B 144 18.04 -7.18 -3.41
N GLY B 145 17.19 -8.13 -3.06
CA GLY B 145 17.17 -8.69 -1.73
C GLY B 145 16.10 -8.13 -0.84
N SER B 146 15.24 -7.26 -1.36
CA SER B 146 14.10 -6.81 -0.60
C SER B 146 13.21 -8.02 -0.35
N PRO B 147 12.92 -8.36 0.90
CA PRO B 147 12.06 -9.52 1.15
C PRO B 147 10.60 -9.23 0.90
N GLY B 148 9.92 -10.24 0.39
CA GLY B 148 8.48 -10.27 0.46
C GLY B 148 8.11 -11.12 1.65
N PHE B 149 6.87 -11.00 2.09
CA PHE B 149 6.44 -11.73 3.26
C PHE B 149 4.92 -11.75 3.27
N VAL B 150 4.38 -12.73 3.99
CA VAL B 150 2.96 -12.81 4.25
C VAL B 150 2.80 -13.26 5.69
N MET B 151 1.87 -12.65 6.41
CA MET B 151 1.77 -12.81 7.85
C MET B 151 0.40 -13.34 8.22
N ASN B 152 0.37 -14.53 8.82
CA ASN B 152 -0.84 -15.13 9.36
C ASN B 152 -0.66 -15.20 10.87
N GLY B 153 -1.25 -14.24 11.57
CA GLY B 153 -1.24 -14.23 13.03
C GLY B 153 0.12 -13.99 13.65
N HIS B 154 0.70 -12.81 13.39
CA HIS B 154 1.94 -12.37 14.01
C HIS B 154 3.13 -13.27 13.71
N LYS B 155 2.90 -14.32 12.93
CA LYS B 155 3.98 -15.17 12.44
C LYS B 155 4.32 -14.75 11.02
N VAL B 156 5.60 -14.50 10.76
CA VAL B 156 6.05 -13.98 9.48
C VAL B 156 6.44 -15.14 8.59
N GLU B 157 5.93 -15.15 7.36
CA GLU B 157 6.29 -16.16 6.38
C GLU B 157 6.99 -15.48 5.22
N PHE B 158 8.27 -15.77 5.04
CA PHE B 158 9.07 -15.15 3.99
C PHE B 158 8.90 -15.94 2.70
N VAL B 159 8.54 -15.26 1.62
CA VAL B 159 8.09 -15.97 0.43
C VAL B 159 8.79 -15.43 -0.81
N TYR B 160 9.46 -14.29 -0.69
CA TYR B 160 10.04 -13.65 -1.85
C TYR B 160 11.36 -12.99 -1.47
N MET B 161 12.26 -12.90 -2.45
CA MET B 161 13.50 -12.19 -2.31
C MET B 161 13.89 -11.68 -3.69
N HIS B 162 14.03 -10.38 -3.84
CA HIS B 162 14.13 -9.80 -5.18
C HIS B 162 15.48 -10.14 -5.83
N GLN B 163 15.42 -10.58 -7.09
CA GLN B 163 16.62 -10.97 -7.82
C GLN B 163 16.89 -10.07 -9.01
N ILE B 164 15.99 -10.00 -9.99
CA ILE B 164 16.26 -9.30 -11.24
C ILE B 164 14.99 -8.59 -11.72
N GLU B 165 15.16 -7.78 -12.75
CA GLU B 165 14.08 -7.05 -13.41
C GLU B 165 14.13 -7.37 -14.89
N LEU B 166 13.01 -7.83 -15.43
CA LEU B 166 12.97 -8.31 -16.81
C LEU B 166 12.82 -7.18 -17.80
N GLY B 167 12.33 -7.51 -18.99
CA GLY B 167 12.11 -6.55 -20.04
C GLY B 167 10.77 -5.87 -19.96
N ASN B 168 9.75 -6.67 -19.72
CA ASN B 168 8.36 -6.22 -19.58
C ASN B 168 8.14 -5.38 -18.35
N ALA B 169 9.21 -4.94 -17.70
CA ALA B 169 9.20 -4.37 -16.36
C ALA B 169 8.65 -5.33 -15.31
N SER B 170 8.45 -6.60 -15.68
CA SER B 170 8.09 -7.63 -14.72
C SER B 170 9.24 -7.92 -13.77
N HIS B 171 8.92 -8.19 -12.51
CA HIS B 171 9.92 -8.40 -11.47
C HIS B 171 9.98 -9.87 -11.09
N VAL B 172 11.20 -10.38 -10.94
CA VAL B 172 11.45 -11.78 -10.64
C VAL B 172 12.18 -11.90 -9.30
N GLY B 173 11.73 -12.84 -8.47
CA GLY B 173 12.40 -13.09 -7.21
C GLY B 173 12.66 -14.56 -6.95
N SER B 174 13.14 -14.88 -5.75
CA SER B 174 13.40 -16.26 -5.34
C SER B 174 12.78 -16.53 -3.98
N ASP B 175 12.33 -17.75 -3.78
CA ASP B 175 11.90 -18.15 -2.45
C ASP B 175 13.10 -18.23 -1.52
N MET B 176 12.84 -18.38 -0.23
CA MET B 176 13.93 -18.49 0.73
C MET B 176 14.66 -19.83 0.63
N PHE B 177 14.19 -20.73 -0.22
CA PHE B 177 14.87 -21.98 -0.52
C PHE B 177 15.88 -21.85 -1.65
N GLY B 178 15.96 -20.69 -2.30
CA GLY B 178 16.90 -20.49 -3.38
C GLY B 178 16.44 -20.91 -4.75
N ASN B 179 15.14 -20.83 -5.03
CA ASN B 179 14.59 -21.21 -6.33
C ASN B 179 13.97 -20.00 -7.00
N ILE B 180 14.46 -19.66 -8.20
CA ILE B 180 13.89 -18.57 -8.95
C ILE B 180 12.49 -18.95 -9.40
N TYR B 181 11.52 -18.10 -9.08
CA TYR B 181 10.12 -18.40 -9.40
C TYR B 181 9.91 -18.45 -10.91
N GLY B 182 8.97 -19.31 -11.31
CA GLY B 182 8.65 -19.51 -12.71
C GLY B 182 9.79 -20.10 -13.52
N GLY B 183 10.88 -20.44 -12.85
CA GLY B 183 12.07 -20.94 -13.51
C GLY B 183 12.72 -19.92 -14.42
N PHE B 184 13.46 -18.99 -13.84
CA PHE B 184 14.21 -17.99 -14.58
C PHE B 184 15.68 -18.04 -14.19
N GLU B 185 16.48 -17.25 -14.89
CA GLU B 185 17.92 -17.20 -14.73
C GLU B 185 18.30 -15.86 -14.13
N ASP B 186 19.18 -15.88 -13.14
CA ASP B 186 19.82 -14.65 -12.67
C ASP B 186 21.13 -14.43 -13.45
N GLN B 187 20.96 -14.27 -14.75
CA GLN B 187 22.02 -14.06 -15.72
C GLN B 187 21.68 -12.90 -16.63
N PRO B 188 22.70 -12.27 -17.22
CA PRO B 188 22.45 -11.06 -18.04
C PRO B 188 21.77 -11.34 -19.37
N SER B 189 21.93 -12.54 -19.94
CA SER B 189 21.41 -12.81 -21.27
C SER B 189 19.90 -12.60 -21.30
N ILE B 190 19.40 -12.21 -22.47
CA ILE B 190 18.02 -11.78 -22.59
C ILE B 190 17.08 -12.96 -22.36
N GLN B 191 15.90 -12.68 -21.81
CA GLN B 191 15.01 -13.75 -21.41
C GLN B 191 13.56 -13.32 -21.58
N LEU B 192 12.76 -14.21 -22.18
CA LEU B 192 11.37 -13.92 -22.52
C LEU B 192 10.45 -14.02 -21.31
N GLU B 193 9.35 -13.27 -21.36
CA GLU B 193 8.30 -13.35 -20.36
C GLU B 193 7.02 -13.88 -20.99
N GLY B 194 6.30 -14.72 -20.25
CA GLY B 194 5.12 -15.39 -20.79
C GLY B 194 3.90 -14.48 -20.86
N VAL B 195 2.87 -14.98 -21.54
CA VAL B 195 1.62 -14.25 -21.67
C VAL B 195 0.85 -14.36 -20.35
N ALA B 196 0.48 -13.22 -19.78
CA ALA B 196 -0.24 -13.18 -18.51
C ALA B 196 -1.68 -13.63 -18.69
N THR B 197 -2.02 -14.79 -18.12
CA THR B 197 -3.40 -15.24 -18.06
C THR B 197 -3.98 -14.88 -16.69
N LEU B 198 -5.23 -14.42 -16.69
CA LEU B 198 -5.83 -13.91 -15.47
C LEU B 198 -6.36 -15.03 -14.57
N ILE B 199 -6.13 -14.89 -13.28
CA ILE B 199 -6.62 -15.84 -12.29
C ILE B 199 -8.12 -15.60 -12.10
N THR B 200 -8.92 -16.64 -12.37
CA THR B 200 -10.36 -16.45 -12.46
C THR B 200 -10.98 -16.09 -11.11
N GLU B 201 -10.58 -16.77 -10.04
CA GLU B 201 -11.17 -16.51 -8.72
C GLU B 201 -10.97 -15.05 -8.32
N ASN B 202 -9.77 -14.54 -8.53
CA ASN B 202 -9.47 -13.16 -8.13
C ASN B 202 -10.27 -12.17 -8.96
N VAL B 203 -10.61 -12.53 -10.19
CA VAL B 203 -11.51 -11.70 -11.01
C VAL B 203 -12.93 -11.76 -10.46
N ILE B 204 -13.39 -12.95 -10.09
CA ILE B 204 -14.70 -13.08 -9.47
C ILE B 204 -14.77 -12.27 -8.18
N ALA B 205 -13.73 -12.38 -7.34
CA ALA B 205 -13.69 -11.60 -6.11
C ALA B 205 -13.72 -10.11 -6.41
N PHE B 206 -12.98 -9.68 -7.44
CA PHE B 206 -13.01 -8.29 -7.83
C PHE B 206 -14.40 -7.86 -8.28
N LEU B 207 -15.17 -8.78 -8.87
CA LEU B 207 -16.49 -8.41 -9.36
C LEU B 207 -17.48 -8.27 -8.21
N TYR B 208 -17.44 -9.20 -7.25
CA TYR B 208 -18.22 -9.04 -6.01
C TYR B 208 -17.90 -7.73 -5.33
N ALA B 209 -16.62 -7.35 -5.32
CA ALA B 209 -16.27 -6.03 -4.76
C ALA B 209 -17.02 -4.92 -5.47
N ALA B 210 -17.30 -5.09 -6.78
CA ALA B 210 -18.06 -4.07 -7.50
C ALA B 210 -19.55 -4.14 -7.17
N LEU B 211 -20.11 -5.34 -7.05
CA LEU B 211 -21.52 -5.46 -6.68
C LEU B 211 -21.77 -4.92 -5.29
N ILE B 212 -20.85 -5.19 -4.36
CA ILE B 212 -20.96 -4.64 -3.02
C ILE B 212 -20.78 -3.13 -3.05
N ASN B 213 -19.91 -2.63 -3.92
CA ASN B 213 -19.65 -1.20 -4.01
C ASN B 213 -20.57 -0.48 -4.98
N GLY B 214 -21.66 -1.12 -5.42
CA GLY B 214 -22.70 -0.40 -6.12
C GLY B 214 -22.69 -0.51 -7.63
N GLU B 215 -21.50 -0.54 -8.23
CA GLU B 215 -21.39 -0.58 -9.69
C GLU B 215 -21.96 -1.88 -10.22
N ARG B 216 -23.22 -1.84 -10.65
CA ARG B 216 -23.95 -3.02 -11.11
C ARG B 216 -24.48 -2.83 -12.53
N TRP B 217 -23.85 -1.95 -13.31
CA TRP B 217 -24.28 -1.70 -14.69
C TRP B 217 -23.88 -2.83 -15.63
N TRP B 218 -22.94 -3.68 -15.24
CA TRP B 218 -22.41 -4.72 -16.11
C TRP B 218 -23.03 -6.08 -15.84
N CYS B 219 -23.89 -6.18 -14.83
CA CYS B 219 -24.39 -7.47 -14.35
C CYS B 219 -25.82 -7.68 -14.82
N SER B 220 -26.04 -8.79 -15.54
CA SER B 220 -27.38 -9.21 -15.92
C SER B 220 -27.58 -10.69 -15.59
N ASN B 221 -28.69 -11.26 -16.03
CA ASN B 221 -29.10 -12.61 -15.61
C ASN B 221 -28.65 -13.61 -16.68
N GLU B 222 -27.34 -13.90 -16.69
CA GLU B 222 -26.76 -14.93 -17.54
C GLU B 222 -26.02 -15.91 -16.66
N ARG B 223 -26.38 -17.20 -16.74
CA ARG B 223 -25.71 -18.24 -15.98
C ARG B 223 -24.87 -19.09 -16.91
N CYS B 224 -23.60 -19.29 -16.54
CA CYS B 224 -22.65 -20.03 -17.36
C CYS B 224 -22.12 -21.22 -16.57
N THR B 225 -22.19 -22.40 -17.18
CA THR B 225 -21.61 -23.59 -16.57
C THR B 225 -20.09 -23.46 -16.52
N ILE B 226 -19.50 -24.03 -15.46
CA ILE B 226 -18.09 -23.80 -15.19
C ILE B 226 -17.21 -24.39 -16.29
N ASP B 227 -17.64 -25.50 -16.89
CA ASP B 227 -16.82 -26.12 -17.93
C ASP B 227 -16.86 -25.32 -19.23
N SER B 228 -18.04 -24.84 -19.63
CA SER B 228 -18.12 -23.96 -20.80
C SER B 228 -17.22 -22.76 -20.63
N PHE B 229 -17.12 -22.24 -19.40
CA PHE B 229 -16.16 -21.18 -19.11
C PHE B 229 -14.73 -21.71 -19.13
N ASN B 230 -14.52 -22.90 -18.57
CA ASN B 230 -13.18 -23.52 -18.60
C ASN B 230 -12.73 -23.81 -20.01
N GLU B 231 -13.64 -24.33 -20.85
CA GLU B 231 -13.33 -24.47 -22.26
C GLU B 231 -13.06 -23.12 -22.90
N TRP B 232 -13.80 -22.10 -22.48
CA TRP B 232 -13.59 -20.74 -22.96
C TRP B 232 -12.37 -20.09 -22.31
N ALA B 233 -12.04 -20.50 -21.07
CA ALA B 233 -10.88 -19.92 -20.38
C ALA B 233 -9.56 -20.43 -20.92
N LEU B 234 -9.51 -21.67 -21.39
CA LEU B 234 -8.29 -22.18 -22.01
C LEU B 234 -7.97 -21.46 -23.31
N GLY B 235 -8.99 -20.93 -23.99
CA GLY B 235 -8.81 -20.25 -25.25
C GLY B 235 -8.94 -18.74 -25.22
N ASN B 236 -9.01 -18.13 -24.03
CA ASN B 236 -9.17 -16.67 -23.96
C ASN B 236 -8.27 -16.03 -22.90
N GLY B 237 -7.30 -16.75 -22.36
CA GLY B 237 -6.36 -16.15 -21.45
C GLY B 237 -6.79 -16.10 -20.00
N PHE B 238 -7.58 -17.07 -19.56
CA PHE B 238 -7.97 -17.17 -18.15
C PHE B 238 -7.51 -18.52 -17.62
N THR B 239 -7.92 -18.82 -16.39
CA THR B 239 -7.57 -20.07 -15.75
C THR B 239 -8.83 -20.85 -15.44
N ASN B 240 -8.70 -22.17 -15.41
CA ASN B 240 -9.84 -23.02 -15.11
C ASN B 240 -10.08 -23.02 -13.61
N LEU B 241 -11.35 -22.96 -13.23
CA LEU B 241 -11.75 -22.76 -11.85
C LEU B 241 -12.02 -24.10 -11.18
N VAL B 242 -11.51 -24.25 -9.96
CA VAL B 242 -11.59 -25.51 -9.23
C VAL B 242 -12.90 -25.63 -8.46
N SER B 243 -13.28 -24.57 -7.75
CA SER B 243 -14.49 -24.61 -6.94
C SER B 243 -14.93 -23.18 -6.65
N GLY B 244 -16.22 -23.03 -6.34
CA GLY B 244 -16.77 -21.73 -6.01
C GLY B 244 -17.52 -21.77 -4.71
N ASP B 245 -17.15 -22.72 -3.84
CA ASP B 245 -17.79 -22.86 -2.55
C ASP B 245 -17.34 -21.79 -1.56
N GLY B 246 -16.12 -21.28 -1.72
CA GLY B 246 -15.69 -20.15 -0.91
C GLY B 246 -16.46 -18.89 -1.23
N PHE B 247 -16.87 -18.72 -2.48
CA PHE B 247 -17.70 -17.60 -2.90
C PHE B 247 -19.13 -17.68 -2.38
N SER B 248 -19.48 -18.76 -1.66
CA SER B 248 -20.87 -18.92 -1.19
C SER B 248 -21.29 -17.78 -0.28
N MET B 249 -20.34 -17.17 0.44
CA MET B 249 -20.70 -16.11 1.38
C MET B 249 -20.97 -14.80 0.66
N LEU B 250 -20.15 -14.45 -0.32
CA LEU B 250 -20.36 -13.20 -1.05
C LEU B 250 -21.61 -13.28 -1.92
N ALA B 251 -21.93 -14.47 -2.44
CA ALA B 251 -23.09 -14.60 -3.31
C ALA B 251 -24.39 -14.35 -2.55
N ALA B 252 -24.46 -14.83 -1.30
CA ALA B 252 -25.67 -14.64 -0.50
C ALA B 252 -25.86 -13.18 -0.12
N LYS B 253 -24.79 -12.50 0.28
CA LYS B 253 -24.92 -11.10 0.69
C LYS B 253 -25.27 -10.20 -0.48
N THR B 254 -24.76 -10.50 -1.67
CA THR B 254 -25.09 -9.73 -2.86
C THR B 254 -26.37 -10.20 -3.54
N GLY B 255 -26.79 -11.44 -3.26
CA GLY B 255 -27.89 -12.03 -4.00
C GLY B 255 -27.55 -12.45 -5.41
N VAL B 256 -26.32 -12.21 -5.86
CA VAL B 256 -25.88 -12.56 -7.20
C VAL B 256 -25.02 -13.81 -7.09
N ASP B 257 -25.39 -14.85 -7.84
CA ASP B 257 -24.69 -16.12 -7.82
C ASP B 257 -23.35 -16.05 -8.55
N VAL B 258 -22.59 -17.13 -8.44
CA VAL B 258 -21.27 -17.18 -9.06
C VAL B 258 -21.39 -17.42 -10.57
N CYS B 259 -22.49 -18.04 -11.01
CA CYS B 259 -22.66 -18.30 -12.43
C CYS B 259 -22.82 -17.01 -13.21
N GLN B 260 -23.48 -16.01 -12.63
CA GLN B 260 -23.71 -14.76 -13.34
C GLN B 260 -22.39 -14.05 -13.64
N LEU B 261 -21.45 -14.07 -12.68
CA LEU B 261 -20.16 -13.45 -12.93
C LEU B 261 -19.39 -14.20 -13.99
N LEU B 262 -19.48 -15.53 -14.00
CA LEU B 262 -18.71 -16.33 -14.95
C LEU B 262 -19.10 -15.99 -16.38
N SER B 263 -20.39 -15.83 -16.64
CA SER B 263 -20.81 -15.36 -17.95
C SER B 263 -20.39 -13.91 -18.16
N ALA B 264 -20.50 -13.09 -17.10
CA ALA B 264 -20.12 -11.69 -17.21
C ALA B 264 -18.64 -11.51 -17.51
N ILE B 265 -17.79 -12.42 -17.00
CA ILE B 265 -16.37 -12.36 -17.33
C ILE B 265 -16.16 -12.53 -18.82
N GLN B 266 -16.86 -13.49 -19.43
CA GLN B 266 -16.79 -13.68 -20.87
C GLN B 266 -17.22 -12.43 -21.64
N ARG B 267 -18.07 -11.61 -21.03
CA ARG B 267 -18.57 -10.41 -21.69
C ARG B 267 -17.53 -9.29 -21.66
N LEU B 268 -17.02 -8.97 -20.48
CA LEU B 268 -16.19 -7.79 -20.27
C LEU B 268 -14.71 -8.04 -20.53
N ALA B 269 -14.28 -9.30 -20.64
CA ALA B 269 -12.88 -9.58 -20.92
C ALA B 269 -12.48 -9.06 -22.30
N THR B 270 -13.42 -9.04 -23.25
CA THR B 270 -13.17 -8.40 -24.54
C THR B 270 -12.79 -6.94 -24.36
N GLY B 271 -13.54 -6.22 -23.51
CA GLY B 271 -13.26 -4.83 -23.24
C GLY B 271 -14.36 -4.22 -22.41
N LEU B 272 -14.04 -3.20 -21.62
CA LEU B 272 -15.05 -2.54 -20.80
C LEU B 272 -15.73 -1.38 -21.52
N GLY B 273 -15.43 -1.19 -22.80
CA GLY B 273 -16.07 -0.15 -23.60
C GLY B 273 -15.98 1.24 -23.00
N GLY B 274 -14.84 1.58 -22.40
CA GLY B 274 -14.67 2.88 -21.78
C GLY B 274 -15.39 3.09 -20.48
N LYS B 275 -16.18 2.12 -20.02
CA LYS B 275 -16.84 2.20 -18.72
C LYS B 275 -16.03 1.40 -17.72
N THR B 276 -15.47 2.09 -16.72
CA THR B 276 -14.56 1.47 -15.77
C THR B 276 -15.31 0.83 -14.60
N ILE B 277 -14.69 -0.21 -14.04
CA ILE B 277 -15.21 -0.89 -12.86
C ILE B 277 -14.29 -0.57 -11.68
N LEU B 278 -14.83 0.15 -10.69
CA LEU B 278 -14.09 0.51 -9.47
C LEU B 278 -12.82 1.29 -9.80
N GLY B 279 -12.86 2.10 -10.86
CA GLY B 279 -11.68 2.83 -11.28
C GLY B 279 -10.66 1.98 -12.01
N TYR B 280 -11.10 1.00 -12.78
CA TYR B 280 -10.19 0.08 -13.47
C TYR B 280 -10.66 -0.07 -14.92
N ALA B 281 -9.73 0.11 -15.85
CA ALA B 281 -10.10 0.08 -17.27
C ALA B 281 -10.34 -1.34 -17.78
N SER B 282 -9.68 -2.34 -17.20
CA SER B 282 -9.84 -3.72 -17.61
C SER B 282 -10.04 -4.60 -16.37
N LEU B 283 -10.34 -5.87 -16.62
CA LEU B 283 -10.47 -6.82 -15.53
C LEU B 283 -9.13 -6.98 -14.82
N THR B 284 -9.19 -7.11 -13.49
CA THR B 284 -7.98 -7.20 -12.68
C THR B 284 -8.08 -8.39 -11.71
N ASP B 285 -7.01 -9.19 -11.69
CA ASP B 285 -6.88 -10.30 -10.74
C ASP B 285 -6.12 -9.89 -9.49
N GLU B 286 -5.95 -8.58 -9.27
CA GLU B 286 -5.13 -8.11 -8.16
C GLU B 286 -5.70 -8.50 -6.81
N TYR B 287 -7.02 -8.40 -6.65
CA TYR B 287 -7.67 -8.63 -5.36
C TYR B 287 -8.02 -10.10 -5.22
N THR B 288 -7.39 -10.77 -4.26
CA THR B 288 -7.76 -12.13 -3.91
C THR B 288 -9.08 -12.14 -3.14
N LEU B 289 -9.65 -13.33 -2.97
CA LEU B 289 -10.97 -13.42 -2.34
C LEU B 289 -10.91 -13.02 -0.87
N SER B 290 -9.91 -13.54 -0.13
CA SER B 290 -9.82 -13.25 1.29
C SER B 290 -9.60 -11.76 1.54
N GLU B 291 -8.74 -11.12 0.74
CA GLU B 291 -8.47 -9.71 0.91
C GLU B 291 -9.70 -8.86 0.61
N VAL B 292 -10.58 -9.33 -0.29
CA VAL B 292 -11.83 -8.61 -0.56
C VAL B 292 -12.76 -8.70 0.64
N VAL B 293 -12.72 -9.81 1.37
CA VAL B 293 -13.64 -9.98 2.51
C VAL B 293 -13.22 -9.12 3.69
N ARG B 294 -11.91 -8.91 3.88
CA ARG B 294 -11.49 -8.05 4.99
C ARG B 294 -11.83 -6.58 4.71
N GLN B 295 -11.89 -6.17 3.45
CA GLN B 295 -12.16 -4.77 3.15
C GLN B 295 -13.65 -4.46 3.12
N MET B 296 -14.48 -5.37 2.59
CA MET B 296 -15.90 -5.08 2.49
C MET B 296 -16.59 -5.30 3.83
N TYR B 297 -16.44 -6.50 4.41
CA TYR B 297 -17.16 -6.84 5.63
C TYR B 297 -16.29 -6.88 6.88
N GLY B 298 -14.98 -7.06 6.74
CA GLY B 298 -14.06 -6.80 7.84
C GLY B 298 -13.78 -7.98 8.74
N VAL B 299 -13.38 -9.12 8.17
CA VAL B 299 -13.06 -10.28 8.97
C VAL B 299 -11.55 -10.36 9.19
C10 A1L1B C . -20.40 8.93 16.45
C13 A1L1B C . -21.62 10.79 18.08
C15 A1L1B C . -20.13 10.27 16.26
C17 A1L1B C . -19.93 5.74 14.85
C20 A1L1B C . -18.03 3.15 10.15
C21 A1L1B C . -17.03 2.92 9.22
C22 A1L1B C . -15.94 3.77 9.18
C24 A1L1B C . -16.76 5.04 10.89
C26 A1L1B C . -19.65 5.73 11.43
C28 A1L1B C . -21.58 6.84 10.37
C01 A1L1B C . -17.39 4.51 16.41
C02 A1L1B C . -16.47 4.39 15.19
C04 A1L1B C . -17.27 4.05 13.88
C06 A1L1B C . -18.80 6.00 14.08
C07 A1L1B C . -18.23 7.26 14.15
C09 A1L1B C . -19.83 7.96 15.65
C11 A1L1B C . -21.28 8.53 17.44
C12 A1L1B C . -21.89 9.46 18.26
C14 A1L1B C . -20.74 11.20 17.09
C16 A1L1B C . -20.44 6.74 15.65
C18 A1L1B C . -18.95 4.53 12.03
C19 A1L1B C . -17.88 4.23 10.99
C25 A1L1B C . -19.89 3.35 12.18
C29 A1L1B C . -22.82 6.51 9.56
C30 A1L1B C . -21.93 7.73 11.54
C31 A1L1B C . -21.74 9.10 11.45
C32 A1L1B C . -22.06 9.90 12.52
C33 A1L1B C . -22.55 9.35 13.68
C35 A1L1B C . -22.74 7.99 13.77
C36 A1L1B C . -22.42 7.18 12.70
F34 A1L1B C . -22.85 10.15 14.74
N05 A1L1B C . -18.31 4.88 13.30
N08 A1L1B C . -18.76 8.21 14.93
N23 A1L1B C . -15.82 4.80 9.99
N27 A1L1B C . -21.01 5.63 10.92
O03 A1L1B C . -15.75 3.23 15.47
O37 A1L1B C . -19.10 6.77 11.32
O38 A1L1B C . -16.84 3.14 13.27
C10 A1L1B D . 23.23 -9.47 -11.37
C13 A1L1B D . 24.98 -11.50 -11.99
C15 A1L1B D . 22.74 -10.65 -11.89
C17 A1L1B D . 22.06 -6.07 -11.05
C20 A1L1B D . 17.34 -2.93 -11.47
C21 A1L1B D . 16.03 -2.67 -11.09
C22 A1L1B D . 15.36 -3.57 -10.29
C24 A1L1B D . 17.19 -4.95 -10.24
C26 A1L1B D . 19.06 -5.39 -12.56
C28 A1L1B D . 19.08 -6.00 -14.98
C01 A1L1B D . 22.18 -5.36 -7.82
C02 A1L1B D . 20.67 -5.15 -7.67
C04 A1L1B D . 20.06 -4.45 -8.96
C06 A1L1B D . 20.80 -6.28 -10.54
C07 A1L1B D . 20.37 -7.58 -10.32
C09 A1L1B D . 22.37 -8.42 -11.08
C11 A1L1B D . 24.59 -9.29 -11.17
C12 A1L1B D . 25.47 -10.31 -11.48
C14 A1L1B D . 23.63 -11.66 -12.19
C16 A1L1B D . 22.86 -7.16 -11.31
C18 A1L1B D . 19.35 -4.43 -11.42
C19 A1L1B D . 17.92 -4.09 -11.02
C25 A1L1B D . 20.15 -3.25 -11.90
C29 A1L1B D . 19.40 -5.40 -16.33
C30 A1L1B D . 19.90 -7.28 -14.80
C31 A1L1B D . 21.27 -7.21 -14.61
C32 A1L1B D . 21.99 -8.37 -14.46
C33 A1L1B D . 21.34 -9.60 -14.50
C35 A1L1B D . 19.98 -9.66 -14.68
C36 A1L1B D . 19.25 -8.50 -14.84
F34 A1L1B D . 22.06 -10.74 -14.35
N05 A1L1B D . 20.03 -5.07 -10.29
N08 A1L1B D . 21.15 -8.63 -10.60
N23 A1L1B D . 15.94 -4.69 -9.90
N27 A1L1B D . 19.42 -5.06 -13.93
O03 A1L1B D . 20.54 -4.27 -6.60
O37 A1L1B D . 18.48 -6.41 -12.37
O38 A1L1B D . 19.41 -3.48 -8.74
#